data_6IZL
#
_entry.id   6IZL
#
_entity_poly.entity_id   1
_entity_poly.type   'polypeptide(L)'
_entity_poly.pdbx_seq_one_letter_code
;MTGSNRRANAGRKTQPKPQRKPRAPRRPKVQNAPRIQQGGGPVPLLESNSNMRQMHNGMTRVVGSDYLGVVSVAGNPADA
AAKVRKVLSVSPSSFPGTRLTQMSDLWERYVFRQFRVRYVPSVPNTLACQVMVYQDTDPQDDPTAIKDADALLRQATAQT
GSQQWNFNSAKVIHLAKRSDNQLYYTGPVKENPRFNQQGVVYFIQVSQALDMNGKPLTADMECGSLYVDWVIDFQTPQVN
PSAVEARLPSAGFFTRQILVNDKLTFAAQASLTVALTALSATPKVWLEGPTRVDLATLGGPGGNLVQIELTRAQPGDYTV
KFVGCDSVTLVSSAPIA
;
_entity_poly.pdbx_strand_id   A,B,C
#
# COMPACT_ATOMS: atom_id res chain seq x y z
N ASN A 51 -28.73 8.95 25.06
CA ASN A 51 -27.76 7.94 24.67
C ASN A 51 -26.54 8.52 23.99
N MET A 52 -25.65 9.10 24.79
CA MET A 52 -24.41 9.66 24.27
C MET A 52 -23.34 8.58 24.15
N ARG A 53 -23.53 7.66 23.23
CA ARG A 53 -22.54 6.65 22.91
C ARG A 53 -21.27 7.35 22.40
N GLN A 54 -20.16 7.16 23.08
CA GLN A 54 -18.98 8.01 22.88
C GLN A 54 -17.92 7.40 21.97
N MET A 55 -17.29 8.26 21.17
CA MET A 55 -16.19 7.87 20.32
C MET A 55 -14.86 7.89 21.07
N HIS A 56 -13.92 7.04 20.66
CA HIS A 56 -12.57 7.04 21.22
C HIS A 56 -11.54 6.81 20.13
N ASN A 57 -10.41 7.50 20.22
CA ASN A 57 -9.40 7.40 19.18
C ASN A 57 -7.98 7.21 19.69
N GLY A 58 -7.83 6.95 20.98
CA GLY A 58 -6.50 6.76 21.56
C GLY A 58 -5.85 5.41 21.30
N MET A 59 -4.53 5.36 21.51
CA MET A 59 -3.74 4.14 21.38
C MET A 59 -3.60 3.49 22.76
N THR A 60 -3.62 2.15 22.82
CA THR A 60 -3.53 1.44 24.10
C THR A 60 -2.28 0.58 24.21
N ARG A 61 -1.37 0.99 25.09
CA ARG A 61 -0.16 0.23 25.37
C ARG A 61 -0.48 -1.06 26.12
N VAL A 62 0.19 -2.15 25.75
CA VAL A 62 0.00 -3.46 26.40
C VAL A 62 1.30 -4.26 26.40
N VAL A 63 1.56 -4.97 27.51
CA VAL A 63 2.79 -5.73 27.66
C VAL A 63 2.49 -7.20 27.98
N GLY A 64 3.30 -8.11 27.45
CA GLY A 64 3.13 -9.53 27.73
C GLY A 64 4.22 -10.42 27.18
N SER A 65 4.03 -11.73 27.32
CA SER A 65 4.96 -12.73 26.78
C SER A 65 4.31 -14.10 26.66
N ASP A 66 4.72 -14.88 25.66
CA ASP A 66 4.05 -16.15 25.33
C ASP A 66 4.97 -17.22 24.74
N TYR A 67 4.49 -18.46 24.77
CA TYR A 67 5.26 -19.65 24.37
C TYR A 67 5.04 -20.09 22.92
N LEU A 68 6.06 -19.91 22.09
CA LEU A 68 5.96 -20.22 20.66
C LEU A 68 6.23 -21.68 20.26
N GLY A 69 6.79 -22.48 21.14
CA GLY A 69 6.97 -23.89 20.84
C GLY A 69 8.39 -24.44 20.68
N VAL A 70 8.44 -25.74 20.38
CA VAL A 70 9.66 -26.54 20.30
C VAL A 70 10.51 -26.33 19.05
N VAL A 71 11.82 -26.53 19.17
CA VAL A 71 12.73 -26.48 18.03
C VAL A 71 13.61 -27.73 17.97
N SER A 72 13.87 -28.24 16.75
CA SER A 72 14.61 -29.49 16.58
C SER A 72 15.71 -29.35 15.53
N VAL A 73 16.66 -30.29 15.52
CA VAL A 73 17.80 -30.21 14.60
C VAL A 73 18.26 -31.55 14.04
N ALA A 74 18.31 -31.66 12.71
CA ALA A 74 18.90 -32.82 12.04
C ALA A 74 20.42 -32.80 12.08
N GLY A 75 21.02 -33.98 12.15
CA GLY A 75 22.45 -34.10 12.29
C GLY A 75 23.31 -33.82 11.07
N ASN A 76 22.80 -34.18 9.90
CA ASN A 76 23.53 -33.93 8.65
C ASN A 76 22.66 -33.40 7.51
N PRO A 77 22.26 -32.13 7.58
CA PRO A 77 21.46 -31.55 6.50
C PRO A 77 22.18 -31.57 5.16
N ALA A 78 21.45 -31.82 4.07
CA ALA A 78 22.08 -31.89 2.75
C ALA A 78 21.17 -31.35 1.65
N ASP A 79 19.90 -31.17 1.97
CA ASP A 79 18.92 -30.75 0.99
C ASP A 79 18.97 -29.24 0.76
N ALA A 80 19.82 -28.57 1.53
CA ALA A 80 20.00 -27.12 1.46
C ALA A 80 18.74 -26.37 1.91
N ALA A 81 17.59 -26.79 1.38
CA ALA A 81 16.32 -26.26 1.82
C ALA A 81 15.87 -26.95 3.11
N ALA A 82 16.62 -27.99 3.50
CA ALA A 82 16.36 -28.63 4.79
C ALA A 82 17.05 -27.90 5.94
N LYS A 83 18.06 -27.09 5.61
CA LYS A 83 18.77 -26.36 6.64
C LYS A 83 17.91 -25.29 7.30
N VAL A 84 16.98 -24.72 6.55
CA VAL A 84 15.99 -23.88 7.19
C VAL A 84 15.16 -24.82 8.03
N ARG A 85 14.86 -24.41 9.26
CA ARG A 85 14.38 -25.38 10.23
C ARG A 85 13.02 -25.01 10.77
N LYS A 86 12.78 -23.73 11.02
CA LYS A 86 11.49 -23.34 11.54
C LYS A 86 11.10 -21.96 11.02
N VAL A 87 9.80 -21.75 10.82
CA VAL A 87 9.30 -20.49 10.29
C VAL A 87 8.00 -20.06 10.94
N LEU A 88 7.96 -18.82 11.41
CA LEU A 88 6.77 -18.32 12.11
C LEU A 88 6.36 -16.93 11.69
N SER A 89 5.06 -16.69 11.60
CA SER A 89 4.59 -15.34 11.30
C SER A 89 4.80 -14.40 12.47
N VAL A 90 5.19 -13.16 12.18
CA VAL A 90 5.22 -12.12 13.20
C VAL A 90 3.92 -11.34 13.12
N SER A 91 2.91 -11.81 13.86
CA SER A 91 1.62 -11.16 13.89
C SER A 91 0.81 -11.64 15.07
N PRO A 92 0.01 -10.74 15.65
CA PRO A 92 -1.02 -11.15 16.58
C PRO A 92 -2.05 -11.98 15.85
N SER A 93 -2.70 -12.90 16.54
CA SER A 93 -3.69 -13.78 15.92
C SER A 93 -3.07 -14.68 14.88
N SER A 94 -1.97 -15.31 15.24
CA SER A 94 -1.37 -16.32 14.38
C SER A 94 -0.95 -17.55 15.18
N PHE A 95 -1.42 -17.64 16.43
CA PHE A 95 -1.06 -18.75 17.31
C PHE A 95 -2.27 -19.34 18.02
N PRO A 96 -2.19 -20.61 18.42
CA PRO A 96 -3.26 -21.22 19.22
C PRO A 96 -3.11 -21.02 20.72
N GLY A 97 -4.09 -20.38 21.36
CA GLY A 97 -4.22 -20.43 22.79
C GLY A 97 -3.39 -19.45 23.61
N THR A 98 -2.59 -18.64 22.94
CA THR A 98 -1.80 -17.63 23.65
C THR A 98 -2.66 -16.47 24.10
N ARG A 99 -2.18 -15.76 25.11
CA ARG A 99 -2.84 -14.56 25.59
C ARG A 99 -2.89 -13.49 24.50
N LEU A 100 -1.86 -13.48 23.66
CA LEU A 100 -1.74 -12.47 22.63
C LEU A 100 -2.76 -12.59 21.51
N THR A 101 -3.02 -13.82 21.05
CA THR A 101 -3.99 -13.99 19.99
C THR A 101 -5.38 -13.63 20.47
N GLN A 102 -5.64 -13.90 21.74
CA GLN A 102 -6.93 -13.52 22.29
C GLN A 102 -7.03 -12.01 22.37
N MET A 103 -5.93 -11.36 22.72
CA MET A 103 -5.93 -9.90 22.77
C MET A 103 -6.14 -9.32 21.37
N SER A 104 -5.65 -10.03 20.37
CA SER A 104 -5.56 -9.51 19.02
C SER A 104 -6.88 -9.17 18.35
N ASP A 105 -7.93 -9.91 18.69
CA ASP A 105 -9.17 -9.80 17.94
C ASP A 105 -10.00 -8.59 18.33
N LEU A 106 -9.58 -7.90 19.37
CA LEU A 106 -10.43 -6.92 20.01
C LEU A 106 -10.09 -5.49 19.58
N TRP A 107 -9.27 -5.34 18.55
CA TRP A 107 -8.93 -4.03 18.01
C TRP A 107 -8.74 -4.09 16.49
N GLU A 108 -8.80 -2.94 15.81
CA GLU A 108 -8.55 -2.90 14.38
C GLU A 108 -7.11 -3.06 13.92
N ARG A 109 -6.20 -2.32 14.56
CA ARG A 109 -4.84 -2.24 14.07
C ARG A 109 -3.82 -2.33 15.20
N TYR A 110 -2.57 -2.62 14.86
CA TYR A 110 -1.55 -2.81 15.87
C TYR A 110 -0.17 -2.40 15.38
N VAL A 111 0.73 -2.11 16.31
CA VAL A 111 2.15 -2.00 16.03
C VAL A 111 2.99 -2.51 17.19
N PHE A 112 3.89 -3.45 16.94
CA PHE A 112 4.86 -3.82 17.95
C PHE A 112 5.88 -2.73 18.21
N ARG A 113 6.19 -2.50 19.48
CA ARG A 113 7.23 -1.55 19.86
C ARG A 113 8.54 -2.26 20.17
N GLN A 114 8.43 -3.51 20.63
CA GLN A 114 9.56 -4.42 20.63
C GLN A 114 9.00 -5.82 20.59
N PHE A 115 9.78 -6.76 20.10
CA PHE A 115 9.31 -8.12 19.89
C PHE A 115 10.51 -9.04 19.93
N ARG A 116 11.10 -9.24 21.10
CA ARG A 116 12.36 -9.98 21.14
C ARG A 116 12.17 -11.48 21.35
N VAL A 117 12.57 -12.26 20.35
CA VAL A 117 12.57 -13.71 20.45
C VAL A 117 13.67 -14.16 21.40
N ARG A 118 13.38 -15.18 22.21
CA ARG A 118 14.33 -15.65 23.20
C ARG A 118 14.49 -17.16 23.18
N TYR A 119 15.71 -17.62 22.95
CA TYR A 119 16.00 -19.04 22.86
C TYR A 119 16.54 -19.60 24.16
N VAL A 120 15.90 -20.66 24.62
CA VAL A 120 16.29 -21.40 25.81
C VAL A 120 16.72 -22.83 25.49
N PRO A 121 18.01 -23.15 25.67
CA PRO A 121 18.60 -24.46 25.40
C PRO A 121 18.02 -25.58 26.25
N SER A 122 17.96 -26.77 25.68
CA SER A 122 17.56 -27.95 26.45
C SER A 122 18.47 -29.13 26.13
N VAL A 123 19.76 -28.85 26.04
CA VAL A 123 20.75 -29.85 25.65
C VAL A 123 21.98 -29.81 26.56
N PRO A 124 22.57 -30.97 26.86
CA PRO A 124 23.83 -31.08 27.61
C PRO A 124 25.02 -30.46 26.90
N ASN A 125 25.97 -29.94 27.67
CA ASN A 125 27.14 -29.28 27.10
C ASN A 125 28.00 -30.16 26.21
N THR A 126 27.91 -31.47 26.38
CA THR A 126 28.69 -32.39 25.56
C THR A 126 28.34 -32.32 24.08
N LEU A 127 27.08 -32.05 23.77
CA LEU A 127 26.63 -31.87 22.38
C LEU A 127 26.91 -30.45 21.88
N ALA A 128 27.05 -30.30 20.56
CA ALA A 128 27.24 -28.97 19.99
C ALA A 128 26.85 -28.85 18.52
N CYS A 129 26.40 -27.65 18.15
CA CYS A 129 26.09 -27.26 16.78
C CYS A 129 25.88 -25.75 16.70
N GLN A 130 26.14 -25.18 15.54
CA GLN A 130 25.94 -23.75 15.34
C GLN A 130 24.61 -23.49 14.65
N VAL A 131 23.91 -22.45 15.09
CA VAL A 131 22.62 -22.10 14.50
C VAL A 131 22.44 -20.61 14.39
N MET A 132 21.44 -20.21 13.60
CA MET A 132 21.21 -18.81 13.28
C MET A 132 19.72 -18.50 13.36
N VAL A 133 19.38 -17.28 13.74
CA VAL A 133 17.98 -16.86 13.69
C VAL A 133 17.87 -15.44 13.19
N TYR A 134 16.84 -15.19 12.37
CA TYR A 134 16.62 -13.80 11.93
C TYR A 134 15.15 -13.50 11.66
N GLN A 135 14.84 -12.21 11.68
CA GLN A 135 13.47 -11.74 11.53
C GLN A 135 13.32 -10.85 10.31
N ASP A 136 12.95 -11.42 9.17
CA ASP A 136 12.76 -10.61 7.97
C ASP A 136 11.53 -9.72 8.14
N THR A 137 11.62 -8.47 7.73
CA THR A 137 10.48 -7.57 7.86
C THR A 137 9.58 -7.55 6.63
N ASP A 138 9.93 -8.33 5.61
CA ASP A 138 9.10 -8.47 4.42
C ASP A 138 8.58 -9.89 4.31
N PRO A 139 7.28 -10.08 4.53
CA PRO A 139 6.63 -11.38 4.54
C PRO A 139 6.76 -12.16 3.23
N GLN A 140 6.83 -11.48 2.10
CA GLN A 140 6.84 -12.17 0.82
C GLN A 140 8.21 -12.58 0.25
N ASP A 141 9.30 -12.30 0.95
CA ASP A 141 10.62 -12.62 0.41
C ASP A 141 10.92 -14.12 0.24
N ASP A 142 10.43 -14.97 1.13
CA ASP A 142 10.51 -16.44 0.98
C ASP A 142 11.89 -17.03 0.62
N PRO A 143 12.70 -17.33 1.64
CA PRO A 143 14.07 -17.87 1.55
C PRO A 143 14.20 -19.19 0.81
N THR A 144 13.18 -20.04 0.87
CA THR A 144 13.28 -21.43 0.42
C THR A 144 13.62 -21.58 -1.06
N ALA A 145 13.33 -20.54 -1.85
CA ALA A 145 13.51 -20.60 -3.29
C ALA A 145 14.97 -20.80 -3.69
N ILE A 146 15.89 -20.40 -2.83
CA ILE A 146 17.32 -20.52 -3.11
C ILE A 146 17.75 -21.98 -3.23
N LYS A 147 18.56 -22.27 -4.25
CA LYS A 147 19.03 -23.63 -4.48
C LYS A 147 20.32 -23.99 -3.75
N ASP A 148 20.93 -23.02 -3.07
CA ASP A 148 22.24 -23.24 -2.47
C ASP A 148 22.29 -22.88 -0.99
N ALA A 149 23.00 -23.70 -0.21
CA ALA A 149 23.10 -23.47 1.23
C ALA A 149 23.86 -22.18 1.53
N ASP A 150 24.83 -21.87 0.68
CA ASP A 150 25.75 -20.78 0.93
C ASP A 150 25.06 -19.44 0.81
N ALA A 151 24.31 -19.28 -0.27
CA ALA A 151 23.57 -18.04 -0.52
C ALA A 151 22.55 -17.84 0.58
N LEU A 152 22.06 -18.95 1.10
CA LEU A 152 21.09 -18.92 2.18
C LEU A 152 21.73 -18.36 3.43
N LEU A 153 22.91 -18.88 3.78
CA LEU A 153 23.59 -18.40 4.97
C LEU A 153 24.00 -16.93 4.84
N ARG A 154 24.38 -16.54 3.64
CA ARG A 154 24.83 -15.16 3.43
C ARG A 154 23.65 -14.20 3.54
N GLN A 155 22.55 -14.57 2.90
CA GLN A 155 21.35 -13.75 2.96
C GLN A 155 20.87 -13.62 4.38
N ALA A 156 20.85 -14.74 5.09
CA ALA A 156 20.38 -14.75 6.46
C ALA A 156 21.28 -13.92 7.35
N THR A 157 22.57 -13.90 7.03
CA THR A 157 23.50 -13.15 7.85
C THR A 157 23.39 -11.65 7.61
N ALA A 158 23.06 -11.27 6.37
CA ALA A 158 23.06 -9.86 6.00
C ALA A 158 22.02 -9.01 6.73
N GLN A 159 20.91 -9.62 7.14
CA GLN A 159 19.83 -8.96 7.86
C GLN A 159 20.29 -8.37 9.19
N THR A 160 19.84 -7.17 9.53
CA THR A 160 20.16 -6.61 10.84
C THR A 160 19.53 -7.39 11.96
N GLY A 161 20.28 -7.55 13.04
CA GLY A 161 19.75 -8.13 14.26
C GLY A 161 19.75 -9.64 14.25
N SER A 162 20.18 -10.23 13.14
CA SER A 162 20.27 -11.68 13.03
C SER A 162 21.39 -12.20 13.88
N GLN A 163 21.27 -13.38 14.45
CA GLN A 163 22.36 -13.83 15.32
C GLN A 163 22.70 -15.31 15.23
N GLN A 164 23.92 -15.62 15.68
CA GLN A 164 24.54 -16.94 15.50
C GLN A 164 25.10 -17.44 16.81
N TRP A 165 24.82 -18.69 17.17
CA TRP A 165 25.34 -19.22 18.42
C TRP A 165 25.27 -20.75 18.51
N ASN A 166 25.98 -21.32 19.48
CA ASN A 166 25.80 -22.72 19.84
C ASN A 166 24.49 -22.93 20.55
N PHE A 167 23.80 -24.03 20.27
CA PHE A 167 22.48 -24.20 20.83
C PHE A 167 22.58 -24.74 22.25
N ASN A 168 23.80 -24.77 22.77
CA ASN A 168 24.04 -25.07 24.17
C ASN A 168 23.49 -24.02 25.12
N SER A 169 23.35 -22.79 24.64
CA SER A 169 23.08 -21.67 25.53
C SER A 169 21.98 -20.72 25.03
N ALA A 170 21.53 -19.84 25.92
CA ALA A 170 20.43 -18.92 25.66
C ALA A 170 20.79 -17.74 24.76
N LYS A 171 19.80 -17.21 24.04
CA LYS A 171 19.96 -15.95 23.28
C LYS A 171 18.72 -15.07 23.19
N VAL A 172 18.92 -13.84 22.74
CA VAL A 172 17.84 -12.86 22.59
C VAL A 172 18.00 -12.08 21.27
N ILE A 173 16.90 -11.82 20.57
CA ILE A 173 16.96 -11.22 19.24
C ILE A 173 15.82 -10.23 18.99
N HIS A 174 16.14 -9.07 18.39
CA HIS A 174 15.17 -7.99 18.19
C HIS A 174 14.66 -7.76 16.76
N LEU A 175 13.50 -7.12 16.64
CA LEU A 175 13.04 -6.52 15.37
C LEU A 175 13.64 -5.18 15.01
N ALA A 176 13.67 -4.90 13.71
CA ALA A 176 13.97 -3.57 13.21
C ALA A 176 12.77 -2.63 13.35
N LYS A 177 13.03 -1.34 13.48
CA LYS A 177 11.99 -0.33 13.53
C LYS A 177 11.76 0.31 12.17
N ARG A 178 10.67 1.07 12.06
CA ARG A 178 10.26 1.68 10.81
C ARG A 178 9.82 3.12 11.04
N SER A 179 10.17 4.03 10.14
CA SER A 179 9.86 5.44 10.33
C SER A 179 8.47 5.87 9.89
N ASP A 180 7.75 5.01 9.17
CA ASP A 180 6.40 5.34 8.74
C ASP A 180 5.43 5.52 9.90
N ASN A 181 5.68 4.79 10.98
CA ASN A 181 4.71 4.59 12.03
C ASN A 181 3.43 4.00 11.45
N GLN A 182 3.59 3.18 10.41
CA GLN A 182 2.48 2.55 9.72
C GLN A 182 1.77 1.57 10.64
N LEU A 183 0.44 1.49 10.53
CA LEU A 183 -0.33 0.55 11.32
C LEU A 183 -0.69 -0.68 10.50
N TYR A 184 -0.78 -1.83 11.18
CA TYR A 184 -1.08 -3.08 10.51
C TYR A 184 -2.43 -3.63 10.93
N TYR A 185 -3.16 -4.22 9.99
CA TYR A 185 -4.42 -4.87 10.32
C TYR A 185 -4.23 -6.16 11.10
N THR A 186 -5.09 -6.38 12.09
CA THR A 186 -5.08 -7.60 12.89
C THR A 186 -5.78 -8.75 12.18
N GLY A 187 -5.46 -9.97 12.59
CA GLY A 187 -6.14 -11.14 12.06
C GLY A 187 -5.50 -11.77 10.83
N PRO A 188 -6.10 -12.86 10.35
CA PRO A 188 -5.64 -13.75 9.28
C PRO A 188 -5.55 -13.07 7.91
N VAL A 189 -4.61 -13.53 7.09
CA VAL A 189 -4.44 -13.02 5.73
C VAL A 189 -5.71 -13.20 4.91
N LYS A 190 -6.07 -12.17 4.14
CA LYS A 190 -7.21 -12.25 3.26
C LYS A 190 -6.74 -12.06 1.83
N GLU A 191 -5.99 -10.99 1.60
CA GLU A 191 -5.16 -10.83 0.42
C GLU A 191 -3.91 -10.08 0.84
N ASN A 192 -2.75 -10.52 0.35
CA ASN A 192 -1.46 -10.00 0.79
C ASN A 192 -1.16 -10.11 2.27
N PRO A 193 -0.07 -10.81 2.59
CA PRO A 193 0.52 -10.76 3.92
C PRO A 193 0.94 -9.35 4.30
N ARG A 194 1.33 -8.53 3.34
CA ARG A 194 1.92 -7.23 3.63
C ARG A 194 1.00 -6.25 4.37
N PHE A 195 -0.32 -6.43 4.30
CA PHE A 195 -1.20 -5.64 5.15
C PHE A 195 -1.28 -6.12 6.58
N ASN A 196 -0.76 -7.30 6.87
CA ASN A 196 -0.92 -7.88 8.20
C ASN A 196 0.37 -7.97 8.98
N GLN A 197 1.18 -8.93 8.58
CA GLN A 197 2.39 -9.30 9.27
C GLN A 197 3.43 -8.19 9.25
N GLN A 198 4.13 -7.97 10.36
CA GLN A 198 5.29 -7.10 10.32
C GLN A 198 6.49 -7.84 9.79
N GLY A 199 6.38 -9.16 9.67
CA GLY A 199 7.48 -9.95 9.17
C GLY A 199 7.39 -11.43 9.48
N VAL A 200 8.51 -12.11 9.33
CA VAL A 200 8.58 -13.55 9.51
C VAL A 200 9.85 -13.89 10.28
N VAL A 201 9.79 -14.91 11.13
CA VAL A 201 10.93 -15.40 11.88
C VAL A 201 11.43 -16.73 11.35
N TYR A 202 12.75 -16.80 11.12
CA TYR A 202 13.37 -18.02 10.64
C TYR A 202 14.46 -18.54 11.58
N PHE A 203 14.33 -19.82 11.91
CA PHE A 203 15.33 -20.58 12.64
C PHE A 203 16.05 -21.47 11.64
N ILE A 204 17.36 -21.27 11.50
CA ILE A 204 18.14 -21.93 10.46
C ILE A 204 19.42 -22.57 10.98
N GLN A 205 19.61 -23.86 10.69
CA GLN A 205 20.82 -24.56 11.07
C GLN A 205 21.99 -24.18 10.17
N VAL A 206 23.20 -24.25 10.72
CA VAL A 206 24.40 -23.96 9.94
C VAL A 206 25.34 -25.16 9.87
N SER A 207 25.80 -25.61 11.03
CA SER A 207 26.74 -26.71 11.13
C SER A 207 26.02 -28.05 11.07
N GLN A 208 26.78 -29.13 11.08
CA GLN A 208 26.18 -30.46 11.22
C GLN A 208 25.62 -30.62 12.63
N ALA A 209 25.99 -31.70 13.31
CA ALA A 209 25.58 -31.89 14.71
C ALA A 209 26.47 -32.91 15.38
N LEU A 210 27.63 -32.46 15.82
CA LEU A 210 28.63 -33.33 16.40
C LEU A 210 28.27 -33.77 17.80
N ASP A 211 28.74 -34.96 18.18
CA ASP A 211 28.63 -35.45 19.54
C ASP A 211 29.90 -35.13 20.28
N MET A 212 30.13 -35.80 21.40
CA MET A 212 31.45 -35.83 21.98
C MET A 212 32.31 -36.66 21.03
N ASN A 213 33.61 -36.42 21.04
CA ASN A 213 34.54 -36.99 20.08
C ASN A 213 34.25 -36.56 18.65
N GLY A 214 33.61 -35.40 18.51
CA GLY A 214 33.49 -34.73 17.23
C GLY A 214 32.77 -35.47 16.12
N LYS A 215 31.76 -36.28 16.45
CA LYS A 215 31.07 -37.03 15.41
C LYS A 215 29.56 -36.77 15.38
N PRO A 216 28.97 -36.80 14.17
CA PRO A 216 27.55 -36.55 13.91
C PRO A 216 26.63 -37.56 14.56
N LEU A 217 25.45 -37.12 15.02
CA LEU A 217 24.51 -38.03 15.63
C LEU A 217 23.52 -38.57 14.60
N THR A 218 23.08 -39.81 14.82
CA THR A 218 22.27 -40.53 13.83
C THR A 218 20.90 -39.93 13.54
N ALA A 219 20.31 -39.25 14.50
CA ALA A 219 18.93 -38.78 14.35
C ALA A 219 18.69 -37.37 14.88
N ASP A 220 17.72 -36.69 14.29
CA ASP A 220 17.34 -35.35 14.73
C ASP A 220 16.67 -35.37 16.10
N MET A 221 16.79 -34.27 16.82
CA MET A 221 16.30 -34.23 18.19
C MET A 221 15.84 -32.84 18.61
N GLU A 222 15.04 -32.79 19.67
CA GLU A 222 14.63 -31.56 20.31
C GLU A 222 15.84 -30.85 20.92
N CYS A 223 15.84 -29.52 20.85
CA CYS A 223 16.95 -28.74 21.37
C CYS A 223 16.50 -27.39 21.91
N GLY A 224 15.61 -27.42 22.90
CA GLY A 224 15.10 -26.20 23.48
C GLY A 224 13.89 -25.63 22.77
N SER A 225 13.48 -24.44 23.19
CA SER A 225 12.21 -23.88 22.74
C SER A 225 12.24 -22.37 22.67
N LEU A 226 11.28 -21.81 21.95
CA LEU A 226 11.23 -20.36 21.73
C LEU A 226 10.23 -19.64 22.62
N TYR A 227 10.51 -18.38 22.94
CA TYR A 227 9.60 -17.55 23.73
C TYR A 227 9.62 -16.15 23.15
N VAL A 228 8.63 -15.33 23.48
CA VAL A 228 8.59 -13.96 22.99
C VAL A 228 8.09 -12.95 23.99
N ASP A 229 8.97 -12.06 24.43
CA ASP A 229 8.54 -10.86 25.11
C ASP A 229 8.00 -9.87 24.09
N TRP A 230 6.99 -9.09 24.44
CA TRP A 230 6.42 -8.15 23.47
C TRP A 230 5.72 -6.93 24.05
N VAL A 231 5.59 -5.89 23.22
CA VAL A 231 4.91 -4.66 23.55
C VAL A 231 4.14 -4.18 22.32
N ILE A 232 2.91 -3.72 22.49
CA ILE A 232 2.05 -3.44 21.34
C ILE A 232 1.21 -2.18 21.53
N ASP A 233 0.90 -1.48 20.44
CA ASP A 233 -0.14 -0.47 20.47
C ASP A 233 -1.32 -0.92 19.62
N PHE A 234 -2.53 -0.72 20.12
CA PHE A 234 -3.75 -1.00 19.38
C PHE A 234 -4.56 0.28 19.13
N GLN A 235 -5.38 0.30 18.08
CA GLN A 235 -6.38 1.36 17.97
C GLN A 235 -7.82 0.92 18.20
N THR A 236 -8.67 1.11 17.20
CA THR A 236 -10.10 1.08 17.47
C THR A 236 -10.66 -0.30 17.78
N PRO A 237 -11.34 -0.41 18.94
CA PRO A 237 -11.94 -1.64 19.44
C PRO A 237 -13.03 -2.21 18.55
N GLN A 238 -13.09 -3.53 18.50
CA GLN A 238 -14.05 -4.25 17.69
C GLN A 238 -14.03 -5.72 18.06
N VAL A 239 -14.66 -6.52 17.21
CA VAL A 239 -14.48 -7.96 17.21
C VAL A 239 -14.46 -8.46 15.77
N ASN A 240 -13.40 -9.16 15.39
CA ASN A 240 -13.29 -9.68 14.03
C ASN A 240 -14.29 -10.79 13.75
N PRO A 241 -14.83 -10.82 12.53
CA PRO A 241 -15.89 -11.77 12.14
C PRO A 241 -15.50 -13.23 12.29
N SER A 242 -14.23 -13.55 12.09
CA SER A 242 -13.78 -14.93 12.22
C SER A 242 -13.87 -15.39 13.67
N ALA A 243 -13.78 -14.44 14.58
CA ALA A 243 -13.85 -14.73 16.00
C ALA A 243 -15.29 -14.97 16.43
N GLY B 41 36.18 1.92 30.04
CA GLY B 41 34.96 1.75 30.80
C GLY B 41 34.54 0.29 30.83
N PRO B 42 33.41 0.00 31.46
CA PRO B 42 32.89 -1.37 31.47
C PRO B 42 32.59 -1.88 30.07
N VAL B 43 32.15 -0.99 29.19
CA VAL B 43 31.64 -1.43 27.89
C VAL B 43 32.64 -2.18 27.00
N PRO B 44 33.89 -1.70 26.82
CA PRO B 44 34.77 -2.55 26.01
C PRO B 44 34.94 -3.95 26.58
N LEU B 45 34.93 -4.07 27.91
CA LEU B 45 35.14 -5.36 28.55
C LEU B 45 33.94 -6.26 28.36
N LEU B 46 32.75 -5.72 28.52
CA LEU B 46 31.55 -6.50 28.28
C LEU B 46 31.44 -6.90 26.81
N GLU B 47 31.95 -6.04 25.94
CA GLU B 47 31.97 -6.30 24.51
C GLU B 47 32.87 -7.46 24.13
N SER B 48 33.89 -7.70 24.96
CA SER B 48 35.04 -8.51 24.54
C SER B 48 34.73 -9.96 24.19
N ASN B 49 33.68 -10.53 24.77
CA ASN B 49 33.37 -11.93 24.50
C ASN B 49 31.90 -12.25 24.71
N SER B 50 31.05 -11.42 24.13
CA SER B 50 29.62 -11.68 24.03
C SER B 50 29.22 -11.43 22.57
N ASN B 51 28.41 -12.31 22.01
CA ASN B 51 28.04 -12.16 20.61
C ASN B 51 26.90 -11.22 20.37
N MET B 52 27.10 -9.92 20.60
CA MET B 52 26.01 -9.00 20.34
C MET B 52 26.32 -8.07 19.19
N ARG B 53 25.87 -8.41 18.00
CA ARG B 53 25.92 -7.44 16.91
C ARG B 53 24.85 -6.38 17.15
N GLN B 54 25.17 -5.15 16.81
CA GLN B 54 24.26 -4.04 17.05
C GLN B 54 23.13 -3.97 16.05
N MET B 55 21.98 -3.47 16.50
CA MET B 55 20.88 -3.09 15.62
C MET B 55 21.23 -1.78 14.94
N HIS B 56 20.74 -1.57 13.73
CA HIS B 56 21.00 -0.29 13.05
C HIS B 56 19.79 0.27 12.33
N ASN B 57 18.95 0.95 13.10
CA ASN B 57 17.87 1.74 12.56
C ASN B 57 18.41 3.02 11.96
N GLY B 58 17.71 3.59 11.00
CA GLY B 58 18.08 4.90 10.50
C GLY B 58 18.08 5.06 9.00
N MET B 59 17.96 6.31 8.58
CA MET B 59 17.88 6.66 7.17
C MET B 59 19.26 6.69 6.53
N THR B 60 19.29 6.83 5.21
CA THR B 60 20.55 6.94 4.48
C THR B 60 20.35 7.56 3.11
N ARG B 61 20.69 8.83 2.94
CA ARG B 61 20.66 9.43 1.61
C ARG B 61 21.80 8.97 0.73
N VAL B 62 21.49 8.81 -0.55
CA VAL B 62 22.47 8.49 -1.58
C VAL B 62 22.09 9.29 -2.82
N VAL B 63 23.07 9.72 -3.59
CA VAL B 63 22.83 10.57 -4.74
C VAL B 63 23.47 9.95 -5.98
N GLY B 64 22.87 10.11 -7.14
CA GLY B 64 23.43 9.56 -8.36
C GLY B 64 22.67 9.88 -9.64
N SER B 65 23.10 9.29 -10.75
CA SER B 65 22.44 9.48 -12.03
C SER B 65 22.69 8.27 -12.93
N ASP B 66 21.74 7.95 -13.81
CA ASP B 66 21.83 6.73 -14.61
C ASP B 66 21.26 6.84 -16.02
N TYR B 67 21.76 5.98 -16.90
CA TYR B 67 21.36 5.90 -18.30
C TYR B 67 20.29 4.85 -18.50
N LEU B 68 19.07 5.27 -18.79
CA LEU B 68 17.95 4.33 -18.83
C LEU B 68 17.81 3.57 -20.13
N GLY B 69 17.92 4.28 -21.25
CA GLY B 69 17.77 3.63 -22.54
C GLY B 69 17.52 4.53 -23.72
N VAL B 70 17.44 3.92 -24.90
CA VAL B 70 17.21 4.59 -26.16
C VAL B 70 15.70 4.64 -26.44
N VAL B 71 15.25 5.57 -27.29
CA VAL B 71 13.83 5.73 -27.57
C VAL B 71 13.54 5.87 -29.07
N SER B 72 12.53 5.14 -29.57
CA SER B 72 12.23 5.14 -31.00
C SER B 72 10.99 5.94 -31.35
N VAL B 73 10.85 6.33 -32.62
CA VAL B 73 9.66 7.03 -33.10
C VAL B 73 9.25 6.60 -34.51
N ALA B 74 8.06 6.01 -34.63
CA ALA B 74 7.52 5.55 -35.91
C ALA B 74 7.01 6.67 -36.79
N GLY B 75 7.08 6.46 -38.11
CA GLY B 75 6.62 7.46 -39.06
C GLY B 75 5.12 7.54 -39.24
N ASN B 76 4.43 6.41 -39.12
CA ASN B 76 2.98 6.42 -39.30
C ASN B 76 2.19 5.69 -38.22
N PRO B 77 2.07 6.30 -37.03
CA PRO B 77 1.24 5.77 -35.96
C PRO B 77 -0.22 5.72 -36.39
N ALA B 78 -0.96 4.71 -35.95
CA ALA B 78 -2.35 4.57 -36.37
C ALA B 78 -3.12 3.65 -35.43
N ASP B 79 -2.40 2.91 -34.60
CA ASP B 79 -3.01 1.94 -33.71
C ASP B 79 -3.61 2.61 -32.49
N ALA B 80 -3.35 3.91 -32.35
CA ALA B 80 -3.78 4.72 -31.21
C ALA B 80 -3.11 4.27 -29.92
N ALA B 81 -3.12 2.97 -29.65
CA ALA B 81 -2.35 2.41 -28.56
C ALA B 81 -0.86 2.52 -28.87
N ALA B 82 -0.53 2.67 -30.15
CA ALA B 82 0.87 2.77 -30.55
C ALA B 82 1.44 4.14 -30.27
N LYS B 83 0.58 5.11 -29.97
CA LYS B 83 1.02 6.45 -29.66
C LYS B 83 1.89 6.45 -28.41
N VAL B 84 1.58 5.56 -27.46
CA VAL B 84 2.45 5.42 -26.31
C VAL B 84 3.70 4.77 -26.84
N ARG B 85 4.84 5.11 -26.27
CA ARG B 85 6.10 4.74 -26.89
C ARG B 85 7.08 4.15 -25.91
N LYS B 86 7.04 4.64 -24.67
CA LYS B 86 7.98 4.10 -23.69
C LYS B 86 7.48 4.26 -22.26
N VAL B 87 6.86 3.21 -21.75
CA VAL B 87 6.49 3.13 -20.34
C VAL B 87 7.69 2.75 -19.48
N LEU B 88 7.72 3.26 -18.25
CA LEU B 88 8.75 2.90 -17.28
C LEU B 88 8.17 2.82 -15.88
N SER B 89 8.60 1.84 -15.11
CA SER B 89 8.31 1.85 -13.69
C SER B 89 9.20 2.87 -12.99
N VAL B 90 8.72 3.46 -11.91
CA VAL B 90 9.58 4.38 -11.16
C VAL B 90 10.00 3.68 -9.88
N SER B 91 10.80 2.65 -10.03
CA SER B 91 11.39 1.94 -8.91
C SER B 91 12.86 1.78 -9.15
N PRO B 92 13.66 1.73 -8.09
CA PRO B 92 15.10 1.55 -8.22
C PRO B 92 15.46 0.26 -8.94
N SER B 93 14.63 -0.77 -8.79
CA SER B 93 14.98 -2.11 -9.24
C SER B 93 14.68 -2.43 -10.71
N SER B 94 14.05 -1.52 -11.43
CA SER B 94 13.51 -1.86 -12.74
C SER B 94 14.43 -1.59 -13.94
N PHE B 95 15.68 -1.20 -13.70
CA PHE B 95 16.55 -0.79 -14.80
C PHE B 95 17.90 -1.51 -14.77
N PRO B 96 17.94 -2.76 -15.26
CA PRO B 96 19.06 -3.68 -15.02
C PRO B 96 20.40 -3.18 -15.53
N GLY B 97 21.45 -3.46 -14.77
CA GLY B 97 22.80 -3.10 -15.14
C GLY B 97 23.21 -1.69 -14.74
N THR B 98 22.30 -0.95 -14.12
CA THR B 98 22.60 0.40 -13.66
C THR B 98 23.02 0.39 -12.21
N ARG B 99 23.59 1.50 -11.75
CA ARG B 99 24.00 1.62 -10.36
C ARG B 99 22.80 1.53 -9.40
N LEU B 100 21.67 2.06 -9.83
CA LEU B 100 20.45 2.00 -9.03
C LEU B 100 20.04 0.60 -8.65
N THR B 101 19.91 -0.28 -9.63
CA THR B 101 19.44 -1.61 -9.36
C THR B 101 20.42 -2.38 -8.50
N GLN B 102 21.70 -2.07 -8.66
CA GLN B 102 22.72 -2.75 -7.89
C GLN B 102 22.59 -2.38 -6.44
N MET B 103 22.49 -1.08 -6.20
CA MET B 103 22.38 -0.58 -4.85
C MET B 103 21.05 -0.94 -4.18
N SER B 104 20.01 -1.04 -4.99
CA SER B 104 18.65 -1.16 -4.51
C SER B 104 18.36 -2.45 -3.78
N ASP B 105 19.10 -3.50 -4.13
CA ASP B 105 18.82 -4.82 -3.59
C ASP B 105 19.37 -4.99 -2.19
N LEU B 106 20.14 -4.02 -1.75
CA LEU B 106 20.88 -4.14 -0.49
C LEU B 106 20.09 -3.60 0.71
N TRP B 107 18.92 -3.05 0.47
CA TRP B 107 18.06 -2.60 1.56
C TRP B 107 16.66 -3.16 1.46
N GLU B 108 15.72 -2.48 2.10
CA GLU B 108 14.37 -2.98 2.28
C GLU B 108 13.29 -2.05 1.78
N ARG B 109 13.43 -0.77 2.11
CA ARG B 109 12.43 0.20 1.72
C ARG B 109 13.09 1.44 1.18
N TYR B 110 12.37 2.25 0.42
CA TYR B 110 12.97 3.44 -0.17
C TYR B 110 11.98 4.56 -0.35
N VAL B 111 12.48 5.79 -0.43
CA VAL B 111 11.67 6.94 -0.85
C VAL B 111 12.49 7.92 -1.67
N PHE B 112 12.09 8.21 -2.90
CA PHE B 112 12.75 9.25 -3.67
C PHE B 112 12.51 10.63 -3.10
N ARG B 113 13.55 11.45 -3.05
CA ARG B 113 13.43 12.81 -2.57
C ARG B 113 13.37 13.73 -3.79
N GLN B 114 14.02 13.31 -4.87
CA GLN B 114 13.74 13.86 -6.18
C GLN B 114 14.06 12.82 -7.23
N PHE B 115 13.31 12.83 -8.32
CA PHE B 115 13.47 11.86 -9.39
C PHE B 115 13.27 12.59 -10.70
N ARG B 116 14.36 13.08 -11.26
CA ARG B 116 14.28 14.09 -12.30
C ARG B 116 14.73 13.56 -13.65
N VAL B 117 13.77 13.20 -14.49
CA VAL B 117 14.06 12.64 -15.80
C VAL B 117 14.64 13.70 -16.74
N ARG B 118 15.61 13.31 -17.56
CA ARG B 118 16.24 14.25 -18.48
C ARG B 118 16.40 13.63 -19.86
N TYR B 119 16.21 14.43 -20.90
CA TYR B 119 16.18 13.92 -22.26
C TYR B 119 17.23 14.54 -23.18
N VAL B 120 18.05 13.70 -23.82
CA VAL B 120 19.09 14.19 -24.73
C VAL B 120 18.89 13.72 -26.17
N PRO B 121 18.58 14.66 -27.07
CA PRO B 121 18.33 14.45 -28.49
C PRO B 121 19.54 13.94 -29.26
N SER B 122 19.31 13.15 -30.30
CA SER B 122 20.37 12.80 -31.23
C SER B 122 19.84 12.89 -32.66
N VAL B 123 19.24 14.03 -33.00
CA VAL B 123 18.61 14.22 -34.29
C VAL B 123 18.95 15.58 -34.90
N PRO B 124 19.15 15.63 -36.22
CA PRO B 124 19.33 16.91 -36.92
C PRO B 124 18.10 17.81 -36.83
N ASN B 125 18.33 19.11 -36.77
CA ASN B 125 17.25 20.08 -36.62
C ASN B 125 16.31 20.12 -37.81
N THR B 126 16.77 19.64 -38.95
CA THR B 126 15.95 19.61 -40.16
C THR B 126 14.74 18.68 -40.04
N LEU B 127 14.87 17.62 -39.26
CA LEU B 127 13.78 16.66 -39.08
C LEU B 127 12.70 17.19 -38.14
N ALA B 128 11.48 16.66 -38.26
CA ALA B 128 10.39 17.18 -37.45
C ALA B 128 9.49 16.10 -36.82
N CYS B 129 9.20 16.31 -35.54
CA CYS B 129 8.28 15.49 -34.76
C CYS B 129 8.06 16.13 -33.40
N GLN B 130 6.96 15.78 -32.73
CA GLN B 130 6.64 16.41 -31.47
C GLN B 130 6.30 15.38 -30.40
N VAL B 131 6.71 15.64 -29.16
CA VAL B 131 6.75 14.60 -28.14
C VAL B 131 6.32 15.11 -26.78
N MET B 132 5.68 14.27 -25.97
CA MET B 132 5.48 14.67 -24.58
C MET B 132 5.68 13.52 -23.59
N VAL B 133 6.01 13.90 -22.36
CA VAL B 133 6.25 12.95 -21.30
C VAL B 133 5.49 13.37 -20.06
N TYR B 134 4.99 12.39 -19.29
CA TYR B 134 4.43 12.71 -17.99
C TYR B 134 4.62 11.58 -17.00
N GLN B 135 4.83 11.95 -15.73
CA GLN B 135 4.91 10.98 -14.66
C GLN B 135 3.58 10.90 -13.92
N ASP B 136 3.20 9.68 -13.54
CA ASP B 136 1.93 9.47 -12.88
C ASP B 136 2.14 8.77 -11.56
N THR B 137 1.62 9.37 -10.49
CA THR B 137 1.81 8.86 -9.13
C THR B 137 1.14 7.53 -8.86
N ASP B 138 0.10 7.20 -9.62
CA ASP B 138 -0.61 5.96 -9.40
C ASP B 138 -0.19 4.93 -10.44
N PRO B 139 0.48 3.87 -9.99
CA PRO B 139 0.92 2.75 -10.83
C PRO B 139 -0.21 2.03 -11.56
N GLN B 140 -1.40 1.98 -11.00
CA GLN B 140 -2.51 1.31 -11.67
C GLN B 140 -3.49 2.22 -12.39
N ASP B 141 -3.11 2.70 -13.56
CA ASP B 141 -4.04 3.41 -14.43
C ASP B 141 -4.04 2.81 -15.84
N ASP B 142 -2.87 2.74 -16.45
CA ASP B 142 -2.72 2.19 -17.80
C ASP B 142 -3.60 2.88 -18.84
N PRO B 143 -3.09 3.96 -19.42
CA PRO B 143 -3.75 4.82 -20.41
C PRO B 143 -4.15 4.06 -21.67
N THR B 144 -3.38 3.03 -22.01
CA THR B 144 -3.46 2.38 -23.31
C THR B 144 -4.82 1.80 -23.64
N ALA B 145 -5.64 1.55 -22.62
CA ALA B 145 -6.95 0.97 -22.81
C ALA B 145 -7.86 1.84 -23.67
N ILE B 146 -7.63 3.15 -23.66
CA ILE B 146 -8.41 4.09 -24.47
C ILE B 146 -8.21 3.84 -25.96
N LYS B 147 -9.32 3.85 -26.71
CA LYS B 147 -9.29 3.61 -28.15
C LYS B 147 -9.04 4.84 -29.01
N ASP B 148 -9.06 6.03 -28.42
CA ASP B 148 -8.90 7.25 -29.21
C ASP B 148 -7.73 8.11 -28.76
N ALA B 149 -6.96 8.60 -29.72
CA ALA B 149 -5.70 9.30 -29.43
C ALA B 149 -5.89 10.60 -28.67
N ASP B 150 -6.97 11.30 -28.96
CA ASP B 150 -7.20 12.61 -28.36
C ASP B 150 -7.32 12.53 -26.86
N ALA B 151 -8.01 11.49 -26.40
CA ALA B 151 -8.19 11.31 -24.97
C ALA B 151 -6.88 10.99 -24.28
N LEU B 152 -5.99 10.29 -24.98
CA LEU B 152 -4.68 10.00 -24.43
C LEU B 152 -3.91 11.29 -24.25
N LEU B 153 -3.90 12.08 -25.31
CA LEU B 153 -3.12 13.30 -25.28
C LEU B 153 -3.65 14.28 -24.24
N ARG B 154 -4.97 14.29 -24.07
CA ARG B 154 -5.59 15.17 -23.09
C ARG B 154 -5.36 14.69 -21.67
N GLN B 155 -5.38 13.39 -21.44
CA GLN B 155 -5.03 12.89 -20.12
C GLN B 155 -3.59 13.18 -19.78
N ALA B 156 -2.74 13.16 -20.80
CA ALA B 156 -1.35 13.45 -20.58
C ALA B 156 -1.16 14.92 -20.23
N THR B 157 -1.88 15.79 -20.94
CA THR B 157 -1.73 17.22 -20.70
C THR B 157 -2.27 17.59 -19.32
N ALA B 158 -3.26 16.85 -18.85
CA ALA B 158 -3.75 17.01 -17.50
C ALA B 158 -2.70 16.44 -16.57
N GLN B 159 -2.88 16.64 -15.28
CA GLN B 159 -1.90 16.30 -14.26
C GLN B 159 -0.70 17.22 -14.29
N THR B 160 -0.31 17.65 -13.10
CA THR B 160 0.77 18.61 -12.93
C THR B 160 2.12 18.04 -13.34
N GLY B 161 2.99 18.92 -13.82
CA GLY B 161 4.35 18.52 -14.14
C GLY B 161 4.53 17.94 -15.52
N SER B 162 3.47 17.90 -16.31
CA SER B 162 3.54 17.35 -17.66
C SER B 162 4.40 18.19 -18.58
N GLN B 163 4.97 17.59 -19.62
CA GLN B 163 5.81 18.37 -20.51
C GLN B 163 5.67 17.96 -21.97
N GLN B 164 5.56 18.92 -22.88
CA GLN B 164 5.59 18.63 -24.31
C GLN B 164 6.56 19.55 -25.04
N TRP B 165 7.28 19.00 -26.02
CA TRP B 165 8.30 19.77 -26.72
C TRP B 165 8.71 19.08 -28.02
N ASN B 166 9.45 19.82 -28.84
CA ASN B 166 9.99 19.29 -30.08
C ASN B 166 11.09 18.29 -29.80
N PHE B 167 11.18 17.24 -30.58
CA PHE B 167 12.01 16.11 -30.18
C PHE B 167 13.46 16.41 -30.55
N ASN B 168 13.70 17.63 -31.01
CA ASN B 168 15.03 18.10 -31.37
C ASN B 168 15.86 18.63 -30.21
N SER B 169 15.25 18.82 -29.05
CA SER B 169 15.93 19.53 -27.96
C SER B 169 15.78 18.88 -26.59
N ALA B 170 16.70 19.21 -25.71
CA ALA B 170 16.71 18.68 -24.35
C ALA B 170 15.63 19.28 -23.47
N LYS B 171 15.09 18.47 -22.56
CA LYS B 171 14.17 18.89 -21.52
C LYS B 171 14.34 18.09 -20.24
N VAL B 172 13.81 18.64 -19.16
CA VAL B 172 13.92 18.07 -17.82
C VAL B 172 12.53 18.00 -17.18
N ILE B 173 12.27 16.95 -16.41
CA ILE B 173 10.92 16.64 -15.94
C ILE B 173 10.93 16.13 -14.50
N HIS B 174 9.96 16.57 -13.70
CA HIS B 174 9.91 16.31 -12.26
C HIS B 174 8.76 15.41 -11.79
N LEU B 175 8.95 14.77 -10.63
CA LEU B 175 7.84 14.19 -9.84
C LEU B 175 7.04 15.18 -9.01
N ALA B 176 5.80 14.81 -8.73
CA ALA B 176 4.99 15.49 -7.73
C ALA B 176 5.18 14.88 -6.35
N LYS B 177 5.14 15.72 -5.32
CA LYS B 177 5.29 15.26 -3.94
C LYS B 177 4.01 14.65 -3.37
N ARG B 178 4.19 13.79 -2.37
CA ARG B 178 3.09 13.20 -1.61
C ARG B 178 3.27 13.54 -0.13
N SER B 179 2.26 14.14 0.48
CA SER B 179 2.39 14.68 1.85
C SER B 179 2.64 13.66 2.94
N ASP B 180 2.08 12.46 2.80
CA ASP B 180 2.20 11.44 3.85
C ASP B 180 3.61 10.93 4.12
N ASN B 181 4.43 10.87 3.07
CA ASN B 181 5.74 10.23 3.14
C ASN B 181 5.69 8.76 3.57
N GLN B 182 5.07 7.90 2.77
CA GLN B 182 5.24 6.47 2.95
C GLN B 182 6.54 5.94 2.40
N LEU B 183 7.05 4.89 3.04
CA LEU B 183 8.12 4.09 2.48
C LEU B 183 7.56 3.12 1.45
N TYR B 184 8.40 2.70 0.52
CA TYR B 184 8.03 1.73 -0.50
C TYR B 184 9.00 0.55 -0.51
N TYR B 185 8.51 -0.63 -0.86
CA TYR B 185 9.38 -1.80 -0.94
C TYR B 185 10.27 -1.81 -2.16
N THR B 186 11.43 -2.43 -2.02
CA THR B 186 12.35 -2.63 -3.13
C THR B 186 12.08 -3.95 -3.84
N GLY B 187 12.67 -4.13 -5.02
CA GLY B 187 12.60 -5.38 -5.74
C GLY B 187 11.42 -5.53 -6.69
N PRO B 188 11.39 -6.66 -7.41
CA PRO B 188 10.42 -7.02 -8.45
C PRO B 188 9.00 -7.14 -7.92
N VAL B 189 8.02 -6.83 -8.76
CA VAL B 189 6.62 -6.82 -8.37
C VAL B 189 6.11 -8.17 -7.85
N LYS B 190 5.34 -8.13 -6.77
CA LYS B 190 4.74 -9.33 -6.19
C LYS B 190 3.29 -9.03 -5.82
N GLU B 191 2.36 -9.57 -6.61
CA GLU B 191 0.93 -9.31 -6.49
C GLU B 191 0.57 -7.86 -6.87
N ASN B 192 0.61 -6.95 -5.91
CA ASN B 192 0.12 -5.59 -6.13
C ASN B 192 1.22 -4.56 -6.33
N PRO B 193 1.25 -3.89 -7.48
CA PRO B 193 2.23 -2.86 -7.80
C PRO B 193 2.24 -1.67 -6.83
N ARG B 194 1.13 -1.34 -6.20
CA ARG B 194 1.07 -0.19 -5.32
C ARG B 194 1.99 -0.23 -4.11
N PHE B 195 2.35 -1.42 -3.63
CA PHE B 195 3.36 -1.50 -2.56
C PHE B 195 4.77 -1.13 -3.01
N ASN B 196 5.03 -1.18 -4.30
CA ASN B 196 6.37 -0.96 -4.81
C ASN B 196 6.61 0.42 -5.37
N GLN B 197 6.15 0.58 -6.60
CA GLN B 197 6.46 1.72 -7.43
C GLN B 197 5.87 3.02 -6.90
N GLN B 198 6.65 4.09 -6.87
CA GLN B 198 6.07 5.39 -6.58
C GLN B 198 5.24 5.91 -7.72
N GLY B 199 5.47 5.38 -8.91
CA GLY B 199 4.78 5.90 -10.07
C GLY B 199 5.20 5.25 -11.36
N VAL B 200 4.78 5.85 -12.46
CA VAL B 200 5.11 5.34 -13.78
C VAL B 200 5.39 6.50 -14.72
N VAL B 201 6.45 6.38 -15.52
CA VAL B 201 6.76 7.41 -16.50
C VAL B 201 6.25 7.01 -17.87
N TYR B 202 5.54 7.91 -18.54
CA TYR B 202 5.13 7.64 -19.91
C TYR B 202 5.75 8.59 -20.90
N PHE B 203 6.36 7.97 -21.90
CA PHE B 203 6.89 8.67 -23.06
C PHE B 203 5.95 8.48 -24.24
N ILE B 204 5.31 9.56 -24.65
CA ILE B 204 4.26 9.52 -25.67
C ILE B 204 4.59 10.35 -26.91
N GLN B 205 4.57 9.68 -28.06
CA GLN B 205 4.73 10.32 -29.35
C GLN B 205 3.50 11.13 -29.73
N VAL B 206 3.71 12.26 -30.38
CA VAL B 206 2.65 13.09 -30.88
C VAL B 206 2.98 13.33 -32.35
N SER B 207 1.99 13.60 -33.17
CA SER B 207 2.21 13.82 -34.58
C SER B 207 2.86 12.59 -35.19
N GLN B 208 3.75 12.82 -36.15
CA GLN B 208 4.40 11.73 -36.85
C GLN B 208 5.85 12.09 -37.07
N ALA B 209 6.71 11.08 -37.07
CA ALA B 209 8.10 11.27 -37.45
C ALA B 209 8.09 11.75 -38.88
N LEU B 210 8.97 12.68 -39.21
CA LEU B 210 8.87 13.33 -40.49
C LEU B 210 10.26 13.68 -41.04
N ASP B 211 10.40 13.56 -42.35
CA ASP B 211 11.68 13.69 -43.02
C ASP B 211 11.86 15.08 -43.62
N MET B 212 13.07 15.38 -44.06
CA MET B 212 13.31 16.46 -45.01
C MET B 212 12.49 16.11 -46.23
N ASN B 213 11.98 17.13 -46.92
CA ASN B 213 11.03 17.01 -48.02
C ASN B 213 9.64 16.69 -47.51
N GLY B 214 9.55 16.42 -46.21
CA GLY B 214 8.26 16.32 -45.55
C GLY B 214 7.52 15.02 -45.75
N LYS B 215 8.18 14.02 -46.30
CA LYS B 215 7.58 12.70 -46.41
C LYS B 215 7.62 11.99 -45.06
N PRO B 216 6.54 11.29 -44.69
CA PRO B 216 6.57 10.57 -43.41
C PRO B 216 7.68 9.53 -43.38
N LEU B 217 8.34 9.40 -42.25
CA LEU B 217 9.51 8.55 -42.13
C LEU B 217 9.17 7.08 -42.25
N THR B 218 9.99 6.34 -43.00
CA THR B 218 9.87 4.88 -43.04
C THR B 218 10.60 4.25 -41.86
N ALA B 219 10.17 3.06 -41.46
CA ALA B 219 10.80 2.31 -40.38
C ALA B 219 10.81 3.09 -39.05
N ASP B 220 12.00 3.24 -38.47
CA ASP B 220 12.15 3.82 -37.14
C ASP B 220 13.42 4.65 -36.97
N MET B 221 13.41 5.54 -35.98
CA MET B 221 14.54 6.41 -35.68
C MET B 221 14.94 6.25 -34.22
N GLU B 222 16.23 6.41 -33.94
CA GLU B 222 16.72 6.25 -32.58
C GLU B 222 16.52 7.47 -31.70
N CYS B 223 16.20 8.61 -32.32
CA CYS B 223 15.83 9.82 -31.60
C CYS B 223 16.80 10.25 -30.51
N GLY B 224 16.61 9.75 -29.29
CA GLY B 224 17.40 10.20 -28.17
C GLY B 224 17.62 9.17 -27.09
N SER B 225 17.80 9.63 -25.85
CA SER B 225 18.01 8.72 -24.74
C SER B 225 17.55 9.33 -23.44
N LEU B 226 17.12 8.47 -22.51
CA LEU B 226 16.59 8.94 -21.24
C LEU B 226 17.60 8.83 -20.10
N TYR B 227 17.53 9.76 -19.17
CA TYR B 227 18.45 9.84 -18.04
C TYR B 227 17.67 10.08 -16.76
N VAL B 228 18.33 9.94 -15.62
CA VAL B 228 17.72 10.17 -14.32
C VAL B 228 18.70 10.87 -13.39
N ASP B 229 18.22 11.81 -12.59
CA ASP B 229 19.02 12.44 -11.57
C ASP B 229 18.32 12.28 -10.23
N TRP B 230 18.78 11.37 -9.39
CA TRP B 230 18.00 10.97 -8.23
C TRP B 230 18.64 11.17 -6.86
N VAL B 231 17.78 11.26 -5.86
CA VAL B 231 18.13 11.25 -4.45
C VAL B 231 17.19 10.28 -3.77
N ILE B 232 17.67 9.45 -2.85
CA ILE B 232 16.85 8.38 -2.27
C ILE B 232 17.11 8.21 -0.79
N ASP B 233 16.10 7.74 -0.06
CA ASP B 233 16.29 7.29 1.31
C ASP B 233 16.06 5.79 1.44
N PHE B 234 17.02 5.09 2.03
CA PHE B 234 16.86 3.67 2.33
C PHE B 234 16.68 3.44 3.83
N GLN B 235 16.10 2.31 4.21
CA GLN B 235 15.79 2.06 5.61
C GLN B 235 16.63 0.94 6.21
N THR B 236 16.13 -0.30 6.20
CA THR B 236 16.83 -1.40 6.85
C THR B 236 17.53 -2.39 5.91
N PRO B 237 18.85 -2.55 6.06
CA PRO B 237 19.72 -3.35 5.20
C PRO B 237 19.43 -4.85 5.15
N GLN B 238 19.63 -5.45 3.98
CA GLN B 238 19.40 -6.86 3.77
C GLN B 238 20.00 -7.30 2.45
N VAL B 239 19.72 -8.54 2.07
CA VAL B 239 19.83 -8.98 0.69
C VAL B 239 18.57 -9.77 0.39
N ASN B 240 18.03 -9.64 -0.80
CA ASN B 240 16.80 -10.36 -1.14
C ASN B 240 16.97 -11.18 -2.42
N PRO B 241 16.19 -12.26 -2.55
CA PRO B 241 16.32 -13.19 -3.67
C PRO B 241 16.15 -12.52 -5.03
N VAL C 30 18.40 74.88 -45.36
CA VAL C 30 18.46 73.43 -45.55
C VAL C 30 17.06 72.86 -45.74
N GLN C 31 16.92 71.95 -46.70
CA GLN C 31 15.60 71.39 -46.97
C GLN C 31 15.61 69.88 -47.00
N ASN C 32 14.98 69.28 -45.99
CA ASN C 32 14.88 67.84 -45.89
C ASN C 32 13.85 67.23 -46.82
N ALA C 33 14.08 65.99 -47.19
CA ALA C 33 13.16 65.22 -48.03
C ALA C 33 12.88 63.91 -47.31
N PRO C 34 11.72 63.29 -47.56
CA PRO C 34 11.41 62.07 -46.80
C PRO C 34 12.44 60.97 -47.01
N ARG C 35 12.75 60.22 -45.95
CA ARG C 35 13.80 59.22 -45.99
C ARG C 35 13.25 57.81 -45.95
N ILE C 36 14.05 56.85 -46.40
CA ILE C 36 13.60 55.47 -46.59
C ILE C 36 13.35 54.65 -45.33
N GLN C 37 14.21 54.76 -44.32
CA GLN C 37 14.04 54.06 -43.05
C GLN C 37 13.99 52.54 -43.14
N GLN C 38 15.14 51.92 -42.88
CA GLN C 38 15.29 50.47 -42.95
C GLN C 38 14.76 49.71 -41.73
N GLY C 39 14.41 48.45 -41.92
CA GLY C 39 13.87 47.62 -40.85
C GLY C 39 14.19 46.15 -41.00
N GLY C 40 13.32 45.29 -40.46
CA GLY C 40 13.50 43.85 -40.54
C GLY C 40 14.36 43.22 -39.45
N GLY C 41 14.60 41.92 -39.56
CA GLY C 41 15.41 41.21 -38.58
C GLY C 41 15.67 39.75 -38.92
N PRO C 42 16.53 39.09 -38.15
CA PRO C 42 17.02 37.71 -38.35
C PRO C 42 15.95 36.62 -38.28
N VAL C 43 16.13 35.56 -39.05
CA VAL C 43 15.25 34.41 -39.03
C VAL C 43 15.97 33.11 -38.65
N PRO C 44 15.60 32.53 -37.50
CA PRO C 44 16.12 31.27 -36.95
C PRO C 44 15.77 30.05 -37.80
N LEU C 45 16.63 29.04 -37.79
CA LEU C 45 16.38 27.80 -38.51
C LEU C 45 15.18 27.06 -37.94
N LEU C 46 14.91 27.26 -36.66
CA LEU C 46 13.83 26.57 -35.98
C LEU C 46 13.37 27.32 -34.75
N GLU C 47 12.06 27.29 -34.50
CA GLU C 47 11.50 27.88 -33.29
C GLU C 47 11.13 26.78 -32.31
N SER C 48 11.95 26.59 -31.29
CA SER C 48 11.63 25.63 -30.25
C SER C 48 10.45 26.12 -29.42
N ASN C 49 9.60 25.19 -29.00
CA ASN C 49 8.46 25.52 -28.15
C ASN C 49 8.28 24.50 -27.06
N SER C 50 7.69 24.92 -25.94
CA SER C 50 7.47 24.01 -24.84
C SER C 50 6.31 24.48 -23.98
N ASN C 51 5.56 23.54 -23.44
CA ASN C 51 4.39 23.86 -22.64
C ASN C 51 4.31 22.95 -21.42
N MET C 52 4.18 23.56 -20.24
CA MET C 52 4.23 22.79 -19.01
C MET C 52 3.05 23.06 -18.08
N ARG C 53 2.37 22.01 -17.67
CA ARG C 53 1.36 22.12 -16.63
C ARG C 53 2.06 22.39 -15.31
N GLN C 54 1.83 23.55 -14.72
CA GLN C 54 2.56 23.93 -13.51
C GLN C 54 2.08 23.13 -12.32
N MET C 55 2.99 22.89 -11.37
CA MET C 55 2.77 21.92 -10.30
C MET C 55 2.17 22.49 -9.02
N HIS C 56 1.35 21.70 -8.34
CA HIS C 56 0.82 22.03 -7.02
C HIS C 56 0.90 20.88 -6.05
N ASN C 57 0.98 21.18 -4.77
CA ASN C 57 1.06 20.16 -3.74
C ASN C 57 0.09 20.39 -2.58
N GLY C 58 -0.51 21.57 -2.53
CA GLY C 58 -1.46 21.90 -1.49
C GLY C 58 -2.73 21.08 -1.51
N MET C 59 -3.18 20.66 -0.33
CA MET C 59 -4.45 19.95 -0.21
C MET C 59 -5.62 20.92 -0.27
N THR C 60 -6.77 20.43 -0.72
CA THR C 60 -7.95 21.29 -0.90
C THR C 60 -9.21 20.74 -0.24
N ARG C 61 -9.73 21.45 0.75
CA ARG C 61 -10.97 21.06 1.40
C ARG C 61 -12.21 21.34 0.59
N VAL C 62 -13.24 20.51 0.78
CA VAL C 62 -14.56 20.73 0.22
C VAL C 62 -15.63 20.30 1.22
N VAL C 63 -16.42 21.25 1.71
CA VAL C 63 -17.53 20.95 2.60
C VAL C 63 -18.81 20.71 1.81
N GLY C 64 -19.65 19.78 2.23
CA GLY C 64 -20.90 19.50 1.54
C GLY C 64 -21.75 18.43 2.21
N SER C 65 -22.87 18.10 1.58
CA SER C 65 -23.77 17.07 2.10
C SER C 65 -24.55 16.39 0.99
N ASP C 66 -24.97 15.15 1.22
CA ASP C 66 -25.62 14.35 0.18
C ASP C 66 -26.79 13.54 0.71
N TYR C 67 -26.87 12.30 0.25
CA TYR C 67 -28.02 11.44 0.47
C TYR C 67 -27.69 10.00 0.13
N LEU C 68 -27.64 9.12 1.14
CA LEU C 68 -27.19 7.76 0.89
C LEU C 68 -28.23 6.82 0.31
N GLY C 69 -29.43 6.79 0.90
CA GLY C 69 -30.48 5.94 0.37
C GLY C 69 -31.50 5.39 1.35
N VAL C 70 -32.53 4.78 0.79
CA VAL C 70 -33.65 4.19 1.53
C VAL C 70 -33.27 2.84 2.12
N VAL C 71 -33.88 2.46 3.25
CA VAL C 71 -33.60 1.16 3.85
C VAL C 71 -34.86 0.54 4.49
N SER C 72 -34.92 -0.80 4.49
CA SER C 72 -36.13 -1.51 4.92
C SER C 72 -35.89 -2.44 6.11
N VAL C 73 -36.94 -3.14 6.51
CA VAL C 73 -36.88 -4.16 7.56
C VAL C 73 -37.73 -5.36 7.15
N ALA C 74 -37.92 -6.30 8.06
CA ALA C 74 -38.79 -7.43 7.81
C ALA C 74 -39.37 -8.00 9.10
N GLY C 75 -40.57 -8.56 9.01
CA GLY C 75 -41.23 -9.10 10.18
C GLY C 75 -40.72 -10.46 10.63
N ASN C 76 -40.22 -11.24 9.68
CA ASN C 76 -39.71 -12.57 9.98
C ASN C 76 -38.19 -12.62 10.04
N PRO C 77 -37.65 -12.95 11.22
CA PRO C 77 -36.21 -13.14 11.41
C PRO C 77 -35.70 -14.40 10.70
N ALA C 78 -35.94 -14.48 9.38
CA ALA C 78 -35.52 -15.64 8.60
C ALA C 78 -34.01 -15.69 8.44
N ASP C 79 -33.49 -16.90 8.22
CA ASP C 79 -32.07 -17.12 7.88
C ASP C 79 -31.13 -16.80 9.05
N ALA C 80 -31.32 -15.63 9.65
CA ALA C 80 -30.46 -15.03 10.67
C ALA C 80 -29.20 -14.44 10.06
N ALA C 81 -28.91 -14.78 8.81
CA ALA C 81 -27.92 -14.04 8.04
C ALA C 81 -28.60 -12.86 7.37
N ALA C 82 -29.92 -12.84 7.46
CA ALA C 82 -30.74 -11.78 6.87
C ALA C 82 -30.81 -10.56 7.76
N LYS C 83 -30.25 -10.65 8.97
CA LYS C 83 -30.26 -9.53 9.88
C LYS C 83 -29.50 -8.35 9.30
N VAL C 84 -28.44 -8.63 8.56
CA VAL C 84 -27.77 -7.58 7.81
C VAL C 84 -28.74 -7.20 6.70
N ARG C 85 -28.85 -5.91 6.44
CA ARG C 85 -30.01 -5.42 5.71
C ARG C 85 -29.64 -4.37 4.67
N LYS C 86 -28.53 -3.68 4.90
CA LYS C 86 -28.04 -2.70 3.95
C LYS C 86 -26.55 -2.45 4.14
N VAL C 87 -25.83 -2.32 3.03
CA VAL C 87 -24.38 -2.19 3.03
C VAL C 87 -23.89 -1.11 2.06
N LEU C 88 -23.06 -0.20 2.56
CA LEU C 88 -22.56 0.90 1.74
C LEU C 88 -21.06 1.10 1.89
N SER C 89 -20.34 1.19 0.79
CA SER C 89 -18.93 1.54 0.86
C SER C 89 -18.76 3.02 1.20
N VAL C 90 -17.70 3.35 1.92
CA VAL C 90 -17.51 4.73 2.35
C VAL C 90 -16.37 5.37 1.57
N SER C 91 -16.62 5.69 0.31
CA SER C 91 -15.65 6.40 -0.49
C SER C 91 -16.30 7.43 -1.38
N PRO C 92 -15.56 8.48 -1.71
CA PRO C 92 -15.92 9.29 -2.86
C PRO C 92 -15.82 8.41 -4.08
N SER C 93 -16.63 8.65 -5.09
CA SER C 93 -16.69 7.79 -6.26
C SER C 93 -17.23 6.41 -5.93
N SER C 94 -18.28 6.36 -5.12
CA SER C 94 -19.03 5.13 -4.93
C SER C 94 -20.53 5.43 -4.78
N PHE C 95 -20.91 6.68 -5.02
CA PHE C 95 -22.29 7.10 -4.86
C PHE C 95 -22.80 7.79 -6.11
N PRO C 96 -23.21 7.02 -7.11
CA PRO C 96 -23.66 7.63 -8.36
C PRO C 96 -24.87 8.52 -8.15
N GLY C 97 -24.93 9.60 -8.91
CA GLY C 97 -25.99 10.59 -8.78
C GLY C 97 -25.60 11.78 -7.94
N THR C 98 -24.44 11.71 -7.28
CA THR C 98 -23.97 12.85 -6.49
C THR C 98 -22.93 13.68 -7.23
N ARG C 99 -22.86 14.96 -6.89
CA ARG C 99 -21.85 15.85 -7.45
C ARG C 99 -20.43 15.42 -7.06
N LEU C 100 -20.29 14.91 -5.85
CA LEU C 100 -18.98 14.57 -5.32
C LEU C 100 -18.30 13.46 -6.08
N THR C 101 -19.07 12.47 -6.52
CA THR C 101 -18.47 11.37 -7.24
C THR C 101 -17.96 11.81 -8.61
N GLN C 102 -18.59 12.82 -9.18
CA GLN C 102 -18.06 13.39 -10.40
C GLN C 102 -16.82 14.22 -10.10
N MET C 103 -16.83 14.94 -8.98
CA MET C 103 -15.67 15.72 -8.58
C MET C 103 -14.45 14.86 -8.31
N SER C 104 -14.68 13.65 -7.85
CA SER C 104 -13.62 12.81 -7.30
C SER C 104 -12.57 12.36 -8.31
N ASP C 105 -12.91 12.33 -9.59
CA ASP C 105 -11.98 11.84 -10.60
C ASP C 105 -10.94 12.87 -10.98
N LEU C 106 -11.06 14.07 -10.44
CA LEU C 106 -10.15 15.14 -10.80
C LEU C 106 -8.90 15.15 -9.93
N TRP C 107 -8.81 14.21 -8.98
CA TRP C 107 -7.63 14.13 -8.12
C TRP C 107 -7.18 12.69 -7.89
N GLU C 108 -5.90 12.53 -7.56
CA GLU C 108 -5.39 11.22 -7.15
C GLU C 108 -5.78 10.75 -5.76
N ARG C 109 -5.80 11.62 -4.75
CA ARG C 109 -6.02 11.13 -3.39
C ARG C 109 -6.98 11.94 -2.53
N TYR C 110 -7.54 11.29 -1.50
CA TYR C 110 -8.53 11.93 -0.65
C TYR C 110 -8.38 11.49 0.80
N VAL C 111 -8.94 12.29 1.71
CA VAL C 111 -9.16 11.92 3.11
C VAL C 111 -10.42 12.58 3.65
N PHE C 112 -11.38 11.81 4.16
CA PHE C 112 -12.47 12.40 4.91
C PHE C 112 -12.00 12.97 6.24
N ARG C 113 -12.46 14.16 6.60
CA ARG C 113 -12.20 14.68 7.94
C ARG C 113 -13.45 14.56 8.78
N GLN C 114 -14.54 14.17 8.14
CA GLN C 114 -15.85 14.10 8.76
C GLN C 114 -16.77 13.30 7.88
N PHE C 115 -17.77 12.63 8.46
CA PHE C 115 -18.68 11.83 7.68
C PHE C 115 -19.87 11.43 8.55
N ARG C 116 -20.72 12.40 8.90
CA ARG C 116 -21.84 12.13 9.80
C ARG C 116 -23.07 11.58 9.10
N VAL C 117 -23.35 10.29 9.31
CA VAL C 117 -24.62 9.74 8.84
C VAL C 117 -25.74 10.25 9.73
N ARG C 118 -26.91 10.49 9.17
CA ARG C 118 -28.04 10.99 9.96
C ARG C 118 -29.36 10.32 9.58
N TYR C 119 -29.79 9.34 10.35
CA TYR C 119 -31.04 8.63 10.06
C TYR C 119 -32.29 9.47 10.28
N VAL C 120 -33.21 9.34 9.32
CA VAL C 120 -34.47 10.09 9.29
C VAL C 120 -35.70 9.17 9.24
N PRO C 121 -36.51 9.16 10.30
CA PRO C 121 -37.66 8.27 10.46
C PRO C 121 -38.76 8.49 9.42
N SER C 122 -39.44 7.41 9.02
CA SER C 122 -40.57 7.53 8.10
C SER C 122 -41.88 7.07 8.73
N VAL C 123 -41.84 6.70 10.01
CA VAL C 123 -42.90 5.90 10.60
C VAL C 123 -43.45 6.52 11.88
N PRO C 124 -44.77 6.40 12.10
CA PRO C 124 -45.46 6.82 13.31
C PRO C 124 -45.13 5.96 14.51
N ASN C 125 -45.38 6.47 15.71
CA ASN C 125 -44.99 5.78 16.94
C ASN C 125 -45.88 4.58 17.26
N THR C 126 -46.74 4.19 16.34
CA THR C 126 -47.58 3.01 16.54
C THR C 126 -46.91 1.74 16.03
N LEU C 127 -45.61 1.82 15.76
CA LEU C 127 -44.82 0.67 15.30
C LEU C 127 -43.43 0.69 15.92
N ALA C 128 -42.76 -0.47 15.90
CA ALA C 128 -41.42 -0.58 16.47
C ALA C 128 -40.61 -1.70 15.86
N CYS C 129 -39.29 -1.51 15.79
CA CYS C 129 -38.38 -2.57 15.35
C CYS C 129 -37.10 -2.64 16.15
N GLN C 130 -36.58 -1.51 16.62
CA GLN C 130 -35.23 -1.45 17.20
C GLN C 130 -34.16 -1.86 16.20
N VAL C 131 -33.25 -0.94 15.91
CA VAL C 131 -32.28 -1.11 14.86
C VAL C 131 -30.93 -0.56 15.28
N MET C 132 -29.83 -1.12 14.79
CA MET C 132 -28.55 -0.45 14.98
C MET C 132 -27.82 -0.17 13.67
N VAL C 133 -26.89 0.78 13.73
CA VAL C 133 -26.05 1.12 12.59
C VAL C 133 -24.61 1.31 13.03
N TYR C 134 -23.67 0.91 12.18
CA TYR C 134 -22.28 1.21 12.49
C TYR C 134 -21.41 1.34 11.25
N GLN C 135 -20.20 1.84 11.44
CA GLN C 135 -19.27 2.06 10.35
C GLN C 135 -17.97 1.32 10.55
N ASP C 136 -17.87 0.11 10.04
CA ASP C 136 -16.63 -0.65 10.16
C ASP C 136 -15.55 0.04 9.31
N THR C 137 -14.32 0.04 9.79
CA THR C 137 -13.24 0.69 9.04
C THR C 137 -12.35 -0.31 8.33
N ASP C 138 -12.75 -1.56 8.32
CA ASP C 138 -11.98 -2.58 7.62
C ASP C 138 -12.83 -3.14 6.51
N PRO C 139 -12.60 -2.66 5.27
CA PRO C 139 -13.40 -3.02 4.11
C PRO C 139 -13.41 -4.50 3.81
N GLN C 140 -12.32 -5.21 4.13
CA GLN C 140 -12.29 -6.65 3.99
C GLN C 140 -13.24 -7.41 4.91
N ASP C 141 -13.55 -6.88 6.08
CA ASP C 141 -14.45 -7.59 7.01
C ASP C 141 -15.86 -7.72 6.45
N ASP C 142 -16.43 -8.91 6.57
CA ASP C 142 -17.79 -9.21 6.07
C ASP C 142 -18.63 -10.00 7.06
N PRO C 143 -19.61 -9.34 7.68
CA PRO C 143 -20.48 -9.92 8.71
C PRO C 143 -21.27 -11.14 8.23
N THR C 144 -21.61 -11.16 6.95
CA THR C 144 -22.55 -12.15 6.42
C THR C 144 -22.12 -13.60 6.60
N ALA C 145 -20.82 -13.83 6.69
CA ALA C 145 -20.29 -15.19 6.74
C ALA C 145 -20.75 -15.95 7.99
N ILE C 146 -21.05 -15.20 9.05
CA ILE C 146 -21.43 -15.77 10.33
C ILE C 146 -22.77 -16.51 10.24
N LYS C 147 -22.90 -17.61 10.96
CA LYS C 147 -24.16 -18.35 11.02
C LYS C 147 -25.09 -17.87 12.14
N ASP C 148 -24.52 -17.53 13.28
CA ASP C 148 -25.32 -17.13 14.44
C ASP C 148 -25.87 -15.71 14.32
N ALA C 149 -27.02 -15.46 14.94
CA ALA C 149 -27.56 -14.11 15.00
C ALA C 149 -26.92 -13.31 16.13
N ASP C 150 -26.74 -13.98 17.26
CA ASP C 150 -26.23 -13.33 18.44
C ASP C 150 -24.82 -12.83 18.18
N ALA C 151 -24.07 -13.59 17.40
CA ALA C 151 -22.70 -13.24 17.09
C ALA C 151 -22.67 -11.95 16.28
N LEU C 152 -23.68 -11.79 15.43
CA LEU C 152 -23.82 -10.59 14.64
C LEU C 152 -24.08 -9.42 15.52
N LEU C 153 -25.03 -9.59 16.43
CA LEU C 153 -25.41 -8.46 17.28
C LEU C 153 -24.26 -8.04 18.19
N ARG C 154 -23.46 -9.02 18.62
CA ARG C 154 -22.34 -8.74 19.48
C ARG C 154 -21.22 -8.03 18.75
N GLN C 155 -20.85 -8.53 17.58
CA GLN C 155 -19.77 -7.89 16.85
C GLN C 155 -20.17 -6.50 16.43
N ALA C 156 -21.46 -6.35 16.11
CA ALA C 156 -21.95 -5.05 15.68
C ALA C 156 -21.92 -4.07 16.84
N THR C 157 -22.32 -4.52 18.02
CA THR C 157 -22.28 -3.65 19.18
C THR C 157 -20.87 -3.28 19.59
N ALA C 158 -19.95 -4.21 19.39
CA ALA C 158 -18.62 -4.07 19.95
C ALA C 158 -17.82 -2.89 19.41
N GLN C 159 -18.04 -2.54 18.15
CA GLN C 159 -17.24 -1.49 17.54
C GLN C 159 -17.56 -0.12 18.11
N THR C 160 -16.52 0.68 18.29
CA THR C 160 -16.70 2.02 18.81
C THR C 160 -17.55 2.85 17.86
N GLY C 161 -18.45 3.64 18.43
CA GLY C 161 -19.28 4.55 17.65
C GLY C 161 -20.56 3.95 17.11
N SER C 162 -20.76 2.65 17.31
CA SER C 162 -21.98 1.98 16.85
C SER C 162 -23.16 2.48 17.65
N GLN C 163 -24.34 2.57 17.05
CA GLN C 163 -25.49 3.04 17.84
C GLN C 163 -26.79 2.29 17.58
N GLN C 164 -27.63 2.24 18.62
CA GLN C 164 -28.81 1.39 18.66
C GLN C 164 -30.01 2.22 19.10
N TRP C 165 -31.13 2.12 18.39
CA TRP C 165 -32.30 2.90 18.78
C TRP C 165 -33.56 2.37 18.12
N ASN C 166 -34.72 2.66 18.70
CA ASN C 166 -35.99 2.33 18.06
C ASN C 166 -36.17 3.23 16.85
N PHE C 167 -36.72 2.70 15.76
CA PHE C 167 -36.61 3.38 14.47
C PHE C 167 -37.69 4.44 14.31
N ASN C 168 -38.31 4.83 15.42
CA ASN C 168 -39.25 5.92 15.42
C ASN C 168 -38.59 7.30 15.44
N SER C 169 -37.30 7.37 15.71
CA SER C 169 -36.66 8.66 15.91
C SER C 169 -35.38 8.87 15.10
N ALA C 170 -35.04 10.13 14.88
CA ALA C 170 -33.86 10.50 14.10
C ALA C 170 -32.58 10.25 14.88
N LYS C 171 -31.47 10.02 14.19
CA LYS C 171 -30.18 9.81 14.85
C LYS C 171 -28.99 10.34 14.07
N VAL C 172 -27.83 10.42 14.73
CA VAL C 172 -26.58 10.90 14.14
C VAL C 172 -25.42 9.96 14.48
N ILE C 173 -24.53 9.70 13.53
CA ILE C 173 -23.50 8.66 13.66
C ILE C 173 -22.16 9.08 13.03
N HIS C 174 -21.06 8.77 13.70
CA HIS C 174 -19.71 9.26 13.35
C HIS C 174 -18.72 8.17 12.90
N LEU C 175 -17.74 8.54 12.08
CA LEU C 175 -16.54 7.71 11.85
C LEU C 175 -15.48 7.77 12.93
N ALA C 176 -14.70 6.71 13.03
CA ALA C 176 -13.53 6.69 13.88
C ALA C 176 -12.30 7.17 13.12
N LYS C 177 -11.54 8.06 13.74
CA LYS C 177 -10.33 8.58 13.13
C LYS C 177 -9.21 7.55 13.17
N ARG C 178 -8.33 7.61 12.19
CA ARG C 178 -7.10 6.83 12.19
C ARG C 178 -5.92 7.78 12.39
N SER C 179 -4.94 7.38 13.20
CA SER C 179 -3.83 8.28 13.53
C SER C 179 -2.69 8.26 12.51
N ASP C 180 -2.75 7.36 11.53
CA ASP C 180 -1.73 7.34 10.46
C ASP C 180 -1.78 8.57 9.56
N ASN C 181 -2.96 9.18 9.46
CA ASN C 181 -3.20 10.24 8.49
C ASN C 181 -2.95 9.80 7.06
N GLN C 182 -3.29 8.56 6.71
CA GLN C 182 -3.15 8.11 5.32
C GLN C 182 -4.11 8.72 4.33
N LEU C 183 -3.60 8.96 3.13
CA LEU C 183 -4.40 9.23 1.96
C LEU C 183 -4.92 7.92 1.36
N TYR C 184 -6.04 7.99 0.65
CA TYR C 184 -6.57 6.84 -0.06
C TYR C 184 -6.71 7.16 -1.54
N TYR C 185 -6.60 6.15 -2.40
CA TYR C 185 -6.81 6.36 -3.82
C TYR C 185 -8.26 6.57 -4.20
N THR C 186 -8.48 7.41 -5.20
CA THR C 186 -9.80 7.63 -5.77
C THR C 186 -10.07 6.64 -6.89
N GLY C 187 -11.31 6.61 -7.36
CA GLY C 187 -11.70 5.72 -8.43
C GLY C 187 -12.16 4.37 -7.95
N PRO C 188 -12.55 3.50 -8.90
CA PRO C 188 -13.07 2.14 -8.74
C PRO C 188 -12.05 1.18 -8.15
N VAL C 189 -12.53 0.19 -7.40
CA VAL C 189 -11.67 -0.82 -6.83
C VAL C 189 -11.01 -1.67 -7.90
N LYS C 190 -9.74 -2.01 -7.69
CA LYS C 190 -9.05 -2.92 -8.59
C LYS C 190 -8.75 -4.22 -7.87
N GLU C 191 -7.48 -4.50 -7.61
CA GLU C 191 -7.12 -5.75 -6.96
C GLU C 191 -7.56 -5.85 -5.49
N ASN C 192 -7.66 -4.71 -4.81
CA ASN C 192 -7.89 -4.75 -3.37
C ASN C 192 -8.62 -3.54 -2.80
N PRO C 193 -9.71 -3.79 -2.06
CA PRO C 193 -10.52 -2.79 -1.38
C PRO C 193 -9.75 -1.95 -0.38
N ARG C 194 -8.72 -2.54 0.23
CA ARG C 194 -7.97 -1.88 1.29
C ARG C 194 -7.34 -0.56 0.87
N PHE C 195 -6.96 -0.43 -0.39
CA PHE C 195 -6.41 0.84 -0.87
C PHE C 195 -7.45 1.92 -1.16
N ASN C 196 -8.65 1.52 -1.52
CA ASN C 196 -9.64 2.48 -2.01
C ASN C 196 -10.54 3.11 -0.97
N GLN C 197 -10.87 2.37 0.08
CA GLN C 197 -12.00 2.72 0.92
C GLN C 197 -11.62 2.98 2.36
N GLN C 198 -12.29 3.93 3.02
CA GLN C 198 -12.11 4.07 4.46
C GLN C 198 -12.96 3.11 5.27
N GLY C 199 -13.88 2.42 4.62
CA GLY C 199 -14.68 1.46 5.35
C GLY C 199 -16.05 1.25 4.78
N VAL C 200 -16.94 0.74 5.60
CA VAL C 200 -18.28 0.37 5.18
C VAL C 200 -19.32 0.73 6.25
N VAL C 201 -20.44 1.28 5.82
CA VAL C 201 -21.60 1.45 6.67
C VAL C 201 -22.49 0.21 6.60
N TYR C 202 -22.87 -0.28 7.77
CA TYR C 202 -23.83 -1.38 7.87
C TYR C 202 -25.06 -0.98 8.65
N PHE C 203 -26.21 -1.36 8.09
CA PHE C 203 -27.50 -1.17 8.73
C PHE C 203 -28.04 -2.54 9.19
N ILE C 204 -28.49 -2.64 10.43
CA ILE C 204 -28.82 -3.94 11.00
C ILE C 204 -30.11 -3.99 11.82
N GLN C 205 -31.03 -4.85 11.40
CA GLN C 205 -32.25 -5.13 12.15
C GLN C 205 -31.94 -5.98 13.36
N VAL C 206 -32.70 -5.82 14.44
CA VAL C 206 -32.43 -6.57 15.64
C VAL C 206 -33.64 -7.36 16.11
N SER C 207 -34.83 -6.76 16.01
CA SER C 207 -36.03 -7.37 16.54
C SER C 207 -37.02 -7.80 15.47
N GLN C 208 -38.15 -8.31 15.91
CA GLN C 208 -39.11 -9.00 15.03
C GLN C 208 -40.09 -8.08 14.32
N ALA C 209 -40.04 -6.78 14.61
CA ALA C 209 -40.93 -5.78 13.99
C ALA C 209 -42.40 -6.04 14.32
N LEU C 210 -42.92 -5.28 15.27
CA LEU C 210 -44.24 -5.54 15.83
C LEU C 210 -45.37 -4.66 15.28
N ASP C 211 -46.59 -5.17 15.41
CA ASP C 211 -47.81 -4.49 15.00
C ASP C 211 -48.27 -3.53 16.10
N MET C 212 -49.32 -2.77 15.83
CA MET C 212 -49.82 -1.78 16.79
C MET C 212 -50.29 -2.44 18.09
N ASN C 213 -50.68 -3.71 17.99
CA ASN C 213 -51.07 -4.47 19.18
C ASN C 213 -50.04 -5.55 19.55
N GLY C 214 -48.81 -5.38 19.09
CA GLY C 214 -47.71 -6.19 19.58
C GLY C 214 -47.55 -7.62 19.08
N LYS C 215 -47.93 -7.88 17.84
CA LYS C 215 -47.63 -9.17 17.21
C LYS C 215 -46.98 -8.95 15.84
N PRO C 216 -46.12 -9.89 15.41
CA PRO C 216 -45.18 -9.68 14.30
C PRO C 216 -45.80 -9.42 12.93
N LEU C 217 -45.11 -8.60 12.14
CA LEU C 217 -45.49 -8.30 10.78
C LEU C 217 -45.23 -9.48 9.84
N THR C 218 -46.02 -9.57 8.78
CA THR C 218 -45.94 -10.68 7.86
C THR C 218 -44.92 -10.46 6.73
N ALA C 219 -44.66 -9.20 6.38
CA ALA C 219 -43.84 -8.91 5.21
C ALA C 219 -42.90 -7.72 5.39
N ASP C 220 -41.86 -7.70 4.56
CA ASP C 220 -40.82 -6.66 4.59
C ASP C 220 -41.26 -5.32 4.01
N MET C 221 -40.67 -4.24 4.51
CA MET C 221 -41.14 -2.90 4.21
C MET C 221 -40.11 -1.79 4.42
N GLU C 222 -40.12 -0.78 3.55
CA GLU C 222 -39.26 0.39 3.67
C GLU C 222 -39.69 1.27 4.84
N CYS C 223 -38.73 1.92 5.50
CA CYS C 223 -39.06 2.66 6.71
C CYS C 223 -38.21 3.91 6.94
N GLY C 224 -37.42 4.32 5.96
CA GLY C 224 -36.60 5.50 6.14
C GLY C 224 -35.45 5.64 5.15
N SER C 225 -34.65 6.68 5.35
CA SER C 225 -33.55 7.00 4.44
C SER C 225 -32.40 7.71 5.15
N LEU C 226 -31.22 7.66 4.55
CA LEU C 226 -30.03 8.23 5.17
C LEU C 226 -29.50 9.46 4.44
N TYR C 227 -28.76 10.29 5.18
CA TYR C 227 -28.09 11.48 4.66
C TYR C 227 -26.67 11.54 5.22
N VAL C 228 -25.82 12.40 4.65
CA VAL C 228 -24.46 12.56 5.15
C VAL C 228 -23.99 14.01 5.16
N ASP C 229 -23.33 14.42 6.23
CA ASP C 229 -22.58 15.67 6.24
C ASP C 229 -21.09 15.35 6.17
N TRP C 230 -20.40 15.82 5.15
CA TRP C 230 -19.02 15.38 4.91
C TRP C 230 -18.01 16.48 4.62
N VAL C 231 -16.73 16.16 4.84
CA VAL C 231 -15.60 17.04 4.57
C VAL C 231 -14.46 16.23 3.97
N ILE C 232 -13.78 16.74 2.94
CA ILE C 232 -12.70 16.00 2.28
C ILE C 232 -11.47 16.85 1.97
N ASP C 233 -10.31 16.23 2.05
CA ASP C 233 -9.07 16.81 1.55
C ASP C 233 -8.63 16.07 0.29
N PHE C 234 -8.58 16.77 -0.83
CA PHE C 234 -8.09 16.18 -2.09
C PHE C 234 -6.64 16.53 -2.36
N GLN C 235 -5.97 15.71 -3.18
CA GLN C 235 -4.59 16.04 -3.54
C GLN C 235 -4.15 15.44 -4.88
N THR C 236 -3.31 16.23 -5.56
CA THR C 236 -2.75 15.95 -6.88
C THR C 236 -3.80 15.91 -7.99
N PRO C 237 -3.91 16.98 -8.78
CA PRO C 237 -4.81 17.09 -9.93
C PRO C 237 -4.54 16.09 -11.05
N GLN C 238 -5.58 15.58 -11.68
CA GLN C 238 -5.45 14.69 -12.83
C GLN C 238 -6.80 14.28 -13.37
N VAL C 239 -6.80 13.25 -14.20
CA VAL C 239 -8.02 12.56 -14.63
C VAL C 239 -7.83 11.05 -14.62
N ASN C 240 -8.74 10.31 -13.98
CA ASN C 240 -8.70 8.84 -14.04
C ASN C 240 -9.15 8.33 -15.40
N PRO C 241 -8.45 7.33 -15.94
CA PRO C 241 -8.78 6.73 -17.24
C PRO C 241 -10.17 6.13 -17.31
N SER C 242 -10.63 5.59 -16.18
CA SER C 242 -11.94 4.95 -16.15
C SER C 242 -13.04 5.96 -16.41
N ALA C 243 -12.81 7.20 -15.97
CA ALA C 243 -13.75 8.28 -16.21
C ALA C 243 -13.82 8.61 -17.68
N VAL C 244 -12.70 8.42 -18.37
CA VAL C 244 -12.61 8.79 -19.77
C VAL C 244 -13.19 7.73 -20.68
N GLU C 245 -12.99 6.46 -20.32
CA GLU C 245 -13.49 5.37 -21.15
C GLU C 245 -15.02 5.45 -21.26
N ALA C 246 -15.65 5.93 -20.20
CA ALA C 246 -17.10 6.02 -20.16
C ALA C 246 -17.68 7.00 -21.17
N ARG C 247 -16.97 8.08 -21.44
CA ARG C 247 -17.48 9.10 -22.35
C ARG C 247 -17.22 8.75 -23.81
N LEU C 248 -16.36 7.77 -24.03
CA LEU C 248 -16.09 7.29 -25.38
C LEU C 248 -16.83 6.00 -25.64
N PRO C 249 -17.72 6.00 -26.63
CA PRO C 249 -18.54 4.82 -26.94
C PRO C 249 -17.70 3.66 -27.46
#